data_7D2E
#
_entry.id   7D2E
#
_cell.length_a   38.307
_cell.length_b   71.293
_cell.length_c   53.473
_cell.angle_alpha   90.000
_cell.angle_beta   103.690
_cell.angle_gamma   90.000
#
_symmetry.space_group_name_H-M   'P 1 21 1'
#
loop_
_entity.id
_entity.type
_entity.pdbx_description
1 polymer Liprin-alpha-2
2 water water
#
_entity_poly.entity_id   1
_entity_poly.type   'polypeptide(L)'
_entity_poly.pdbx_seq_one_letter_code
;GPGSEFPSGVSSEVEVLKALKSLFEHHKALDEKVRERLRVSLERVSALEEELAAANQEIVALREQNVHIQRKMASSEG
;
_entity_poly.pdbx_strand_id   A,B,C,D
#
# COMPACT_ATOMS: atom_id res chain seq x y z
N SER A 11 -7.74 2.08 11.59
CA SER A 11 -8.39 1.10 10.73
C SER A 11 -7.77 -0.29 10.92
N SER A 12 -8.47 -1.32 10.46
CA SER A 12 -7.96 -2.68 10.62
C SER A 12 -7.00 -3.02 9.49
N GLU A 13 -6.13 -3.98 9.73
CA GLU A 13 -5.17 -4.40 8.71
C GLU A 13 -5.89 -4.97 7.49
N VAL A 14 -6.93 -5.77 7.73
CA VAL A 14 -7.65 -6.38 6.63
C VAL A 14 -8.28 -5.31 5.75
N GLU A 15 -8.91 -4.31 6.37
CA GLU A 15 -9.54 -3.22 5.63
C GLU A 15 -8.51 -2.40 4.84
N VAL A 16 -7.36 -2.12 5.43
CA VAL A 16 -6.37 -1.32 4.73
C VAL A 16 -5.80 -2.11 3.54
N LEU A 17 -5.58 -3.41 3.73
CA LEU A 17 -5.07 -4.23 2.64
C LEU A 17 -6.11 -4.35 1.50
N LYS A 18 -7.38 -4.45 1.87
CA LYS A 18 -8.45 -4.53 0.88
C LYS A 18 -8.55 -3.23 0.08
N ALA A 19 -8.34 -2.11 0.77
CA ALA A 19 -8.34 -0.81 0.13
C ALA A 19 -7.18 -0.70 -0.86
N LEU A 20 -6.02 -1.16 -0.42
CA LEU A 20 -4.82 -1.14 -1.24
C LEU A 20 -4.99 -2.02 -2.49
N LYS A 21 -5.50 -3.23 -2.29
CA LYS A 21 -5.72 -4.16 -3.40
C LYS A 21 -6.72 -3.57 -4.39
N SER A 22 -7.70 -2.84 -3.85
CA SER A 22 -8.70 -2.16 -4.66
C SER A 22 -8.07 -1.03 -5.46
N LEU A 23 -7.18 -0.29 -4.80
CA LEU A 23 -6.49 0.82 -5.43
C LEU A 23 -5.66 0.37 -6.63
N PHE A 24 -5.04 -0.80 -6.48
CA PHE A 24 -4.18 -1.37 -7.53
C PHE A 24 -4.99 -1.84 -8.72
N GLU A 25 -6.08 -2.55 -8.46
CA GLU A 25 -6.89 -3.10 -9.52
C GLU A 25 -7.57 -1.99 -10.31
N HIS A 26 -7.93 -0.91 -9.64
CA HIS A 26 -8.57 0.21 -10.33
C HIS A 26 -7.58 0.96 -11.19
N HIS A 27 -6.34 1.09 -10.71
CA HIS A 27 -5.28 1.74 -11.48
C HIS A 27 -5.07 1.03 -12.81
N LYS A 28 -5.04 -0.30 -12.78
CA LYS A 28 -4.78 -1.04 -14.01
C LYS A 28 -6.00 -1.01 -14.93
N ALA A 29 -7.19 -1.00 -14.35
CA ALA A 29 -8.42 -0.90 -15.14
C ALA A 29 -8.38 0.33 -16.04
N LEU A 30 -7.99 1.47 -15.47
CA LEU A 30 -7.90 2.71 -16.22
C LEU A 30 -6.68 2.71 -17.14
N ASP A 31 -5.62 2.02 -16.73
CA ASP A 31 -4.39 2.00 -17.51
C ASP A 31 -4.56 1.29 -18.84
N GLU A 32 -5.06 0.06 -18.79
CA GLU A 32 -5.17 -0.75 -19.99
C GLU A 32 -6.29 -0.24 -20.90
N LYS A 33 -7.15 0.62 -20.34
CA LYS A 33 -8.18 1.29 -21.13
C LYS A 33 -7.58 2.49 -21.86
N VAL A 34 -6.60 3.14 -21.23
CA VAL A 34 -5.85 4.21 -21.88
C VAL A 34 -4.98 3.59 -22.97
N ARG A 35 -4.33 2.49 -22.64
CA ARG A 35 -3.45 1.82 -23.59
C ARG A 35 -4.26 1.29 -24.78
N GLU A 36 -5.52 0.94 -24.55
CA GLU A 36 -6.35 0.47 -25.64
C GLU A 36 -6.87 1.62 -26.50
N ARG A 37 -7.16 2.76 -25.86
CA ARG A 37 -7.57 3.93 -26.61
C ARG A 37 -6.44 4.30 -27.56
N LEU A 38 -5.21 4.17 -27.07
CA LEU A 38 -4.01 4.51 -27.83
C LEU A 38 -3.84 3.55 -29.00
N ARG A 39 -4.20 2.29 -28.80
CA ARG A 39 -4.09 1.29 -29.86
C ARG A 39 -5.02 1.64 -31.00
N VAL A 40 -6.30 1.82 -30.69
CA VAL A 40 -7.31 2.18 -31.68
C VAL A 40 -6.92 3.48 -32.39
N SER A 41 -6.41 4.44 -31.64
CA SER A 41 -6.06 5.72 -32.23
C SER A 41 -4.88 5.60 -33.21
N LEU A 42 -3.88 4.78 -32.88
CA LEU A 42 -2.77 4.60 -33.80
C LEU A 42 -3.21 3.90 -35.08
N GLU A 43 -4.12 2.94 -34.94
CA GLU A 43 -4.65 2.24 -36.12
C GLU A 43 -5.53 3.17 -36.94
N ARG A 44 -6.20 4.10 -36.26
CA ARG A 44 -7.06 5.07 -36.91
C ARG A 44 -6.23 6.06 -37.74
N VAL A 45 -5.10 6.48 -37.21
CA VAL A 45 -4.17 7.32 -37.95
C VAL A 45 -3.77 6.64 -39.26
N SER A 46 -3.40 5.37 -39.19
CA SER A 46 -3.05 4.62 -40.39
C SER A 46 -4.19 4.55 -41.39
N ALA A 47 -5.40 4.29 -40.89
CA ALA A 47 -6.57 4.18 -41.76
C ALA A 47 -6.85 5.51 -42.44
N LEU A 48 -6.70 6.60 -41.71
CA LEU A 48 -6.97 7.92 -42.28
C LEU A 48 -5.93 8.28 -43.31
N GLU A 49 -4.68 7.86 -43.09
CA GLU A 49 -3.63 8.13 -44.07
C GLU A 49 -3.96 7.45 -45.39
N GLU A 50 -4.56 6.27 -45.32
CA GLU A 50 -4.94 5.56 -46.54
C GLU A 50 -6.14 6.24 -47.21
N GLU A 51 -7.10 6.66 -46.40
CA GLU A 51 -8.29 7.33 -46.96
C GLU A 51 -7.93 8.67 -47.61
N LEU A 52 -7.06 9.43 -46.96
CA LEU A 52 -6.60 10.71 -47.50
C LEU A 52 -5.82 10.49 -48.79
N ALA A 53 -4.98 9.46 -48.83
CA ALA A 53 -4.26 9.17 -50.08
C ALA A 53 -5.23 8.85 -51.21
N ALA A 54 -6.28 8.09 -50.91
CA ALA A 54 -7.29 7.77 -51.90
C ALA A 54 -8.04 9.02 -52.36
N ALA A 55 -8.34 9.92 -51.44
CA ALA A 55 -9.07 11.12 -51.78
C ALA A 55 -8.24 12.03 -52.68
N ASN A 56 -6.95 12.14 -52.39
CA ASN A 56 -6.09 12.98 -53.21
C ASN A 56 -5.97 12.46 -54.65
N GLN A 57 -5.96 11.14 -54.78
CA GLN A 57 -5.89 10.48 -56.07
C GLN A 57 -7.17 10.78 -56.86
N GLU A 58 -8.28 10.81 -56.15
CA GLU A 58 -9.56 11.08 -56.80
C GLU A 58 -9.59 12.52 -57.25
N ILE A 59 -9.05 13.43 -56.44
CA ILE A 59 -8.96 14.84 -56.84
C ILE A 59 -8.14 14.99 -58.12
N VAL A 60 -7.02 14.28 -58.21
CA VAL A 60 -6.23 14.32 -59.43
C VAL A 60 -6.97 13.85 -60.68
N ALA A 61 -7.65 12.70 -60.56
CA ALA A 61 -8.46 12.17 -61.66
C ALA A 61 -9.54 13.15 -62.09
N LEU A 62 -10.25 13.74 -61.13
CA LEU A 62 -11.31 14.68 -61.45
C LEU A 62 -10.80 15.98 -62.06
N ARG A 63 -9.68 16.49 -61.55
CA ARG A 63 -9.09 17.71 -62.11
C ARG A 63 -8.65 17.47 -63.55
N GLU A 64 -8.08 16.31 -63.82
CA GLU A 64 -7.63 16.01 -65.17
C GLU A 64 -8.83 15.94 -66.10
N GLN A 65 -9.88 15.24 -65.66
CA GLN A 65 -11.10 15.12 -66.43
C GLN A 65 -11.74 16.49 -66.65
N ASN A 66 -11.71 17.33 -65.62
CA ASN A 66 -12.25 18.69 -65.70
C ASN A 66 -11.61 19.54 -66.80
N VAL A 67 -10.28 19.63 -66.79
CA VAL A 67 -9.55 20.39 -67.81
C VAL A 67 -9.87 19.84 -69.20
N HIS A 68 -10.03 18.52 -69.29
CA HIS A 68 -10.28 17.88 -70.57
C HIS A 68 -11.63 18.24 -71.20
N ILE A 69 -12.72 17.96 -70.49
CA ILE A 69 -14.06 18.21 -71.04
C ILE A 69 -14.30 19.70 -71.31
N GLN A 70 -13.56 20.55 -70.61
CA GLN A 70 -13.60 21.98 -70.87
C GLN A 70 -13.11 22.29 -72.27
N ARG A 71 -12.08 21.55 -72.70
CA ARG A 71 -11.51 21.72 -74.03
C ARG A 71 -12.26 20.89 -75.05
N LYS A 72 -13.14 20.01 -74.55
CA LYS A 72 -13.94 19.15 -75.42
C LYS A 72 -15.26 19.82 -75.79
N SER B 12 -7.80 6.01 -1.91
CA SER B 12 -6.84 7.08 -2.18
C SER B 12 -5.46 6.76 -1.62
N GLU B 13 -4.42 7.09 -2.38
CA GLU B 13 -3.05 6.80 -1.99
C GLU B 13 -2.70 7.39 -0.63
N VAL B 14 -2.83 8.71 -0.51
CA VAL B 14 -2.53 9.42 0.73
C VAL B 14 -3.35 8.86 1.90
N GLU B 15 -4.60 8.50 1.63
CA GLU B 15 -5.47 7.95 2.65
C GLU B 15 -4.95 6.60 3.16
N VAL B 16 -4.63 5.69 2.25
CA VAL B 16 -4.14 4.36 2.63
C VAL B 16 -2.79 4.46 3.33
N LEU B 17 -1.89 5.29 2.78
CA LEU B 17 -0.57 5.46 3.37
C LEU B 17 -0.65 6.04 4.79
N LYS B 18 -1.61 6.94 5.00
CA LYS B 18 -1.82 7.49 6.33
C LYS B 18 -2.29 6.41 7.29
N ALA B 19 -3.25 5.60 6.84
CA ALA B 19 -3.81 4.54 7.67
C ALA B 19 -2.77 3.49 8.03
N LEU B 20 -1.83 3.24 7.14
CA LEU B 20 -0.79 2.25 7.37
C LEU B 20 0.22 2.76 8.39
N LYS B 21 0.65 4.01 8.21
CA LYS B 21 1.62 4.60 9.14
C LYS B 21 0.99 4.74 10.51
N SER B 22 -0.30 5.05 10.52
CA SER B 22 -1.11 5.06 11.73
C SER B 22 -1.06 3.71 12.45
N LEU B 23 -1.37 2.64 11.70
CA LEU B 23 -1.35 1.28 12.23
C LEU B 23 0.00 0.86 12.80
N PHE B 24 1.06 1.13 12.04
CA PHE B 24 2.40 0.76 12.44
C PHE B 24 2.81 1.49 13.72
N GLU B 25 2.42 2.76 13.84
CA GLU B 25 2.73 3.53 15.03
C GLU B 25 1.89 3.08 16.23
N HIS B 26 0.63 2.76 15.98
CA HIS B 26 -0.24 2.22 17.02
C HIS B 26 0.31 0.89 17.54
N HIS B 27 0.77 0.05 16.60
CA HIS B 27 1.41 -1.21 16.95
C HIS B 27 2.69 -1.01 17.73
N LYS B 28 3.51 -0.05 17.29
CA LYS B 28 4.81 0.20 17.90
C LYS B 28 4.63 0.67 19.35
N ALA B 29 3.64 1.53 19.58
CA ALA B 29 3.36 2.04 20.93
C ALA B 29 2.80 0.97 21.87
N LEU B 30 1.87 0.15 21.37
CA LEU B 30 1.34 -0.94 22.18
C LEU B 30 2.44 -1.94 22.53
N ASP B 31 3.28 -2.25 21.54
CA ASP B 31 4.37 -3.20 21.73
C ASP B 31 5.32 -2.71 22.83
N GLU B 32 5.70 -1.44 22.77
CA GLU B 32 6.57 -0.88 23.79
C GLU B 32 5.91 -0.92 25.15
N LYS B 33 4.60 -0.69 25.19
CA LYS B 33 3.83 -0.79 26.42
C LYS B 33 3.94 -2.18 27.06
N VAL B 34 3.86 -3.22 26.23
CA VAL B 34 3.88 -4.59 26.74
C VAL B 34 5.30 -4.96 27.15
N ARG B 35 6.28 -4.49 26.38
CA ARG B 35 7.67 -4.79 26.73
C ARG B 35 8.09 -3.96 27.93
N GLU B 36 7.39 -2.85 28.16
CA GLU B 36 7.58 -2.05 29.38
C GLU B 36 7.05 -2.78 30.61
N ARG B 37 5.86 -3.36 30.49
CA ARG B 37 5.33 -4.20 31.56
C ARG B 37 6.16 -5.44 31.80
N LEU B 38 6.62 -6.07 30.71
CA LEU B 38 7.41 -7.29 30.84
C LEU B 38 8.70 -6.98 31.56
N ARG B 39 9.29 -5.84 31.20
CA ARG B 39 10.53 -5.40 31.82
CA ARG B 39 10.53 -5.42 31.83
C ARG B 39 10.35 -5.22 33.32
N VAL B 40 9.31 -4.50 33.70
CA VAL B 40 9.04 -4.21 35.10
C VAL B 40 8.79 -5.53 35.86
N SER B 41 8.20 -6.51 35.19
CA SER B 41 7.87 -7.78 35.83
CA SER B 41 7.87 -7.76 35.85
C SER B 41 9.13 -8.62 36.10
N LEU B 42 10.01 -8.67 35.11
CA LEU B 42 11.21 -9.49 35.25
C LEU B 42 12.17 -8.87 36.26
N GLU B 43 12.11 -7.56 36.45
CA GLU B 43 12.91 -6.90 37.48
C GLU B 43 12.34 -7.27 38.84
N ARG B 44 11.02 -7.43 38.88
CA ARG B 44 10.32 -7.73 40.11
C ARG B 44 10.66 -9.15 40.59
N VAL B 45 10.75 -10.10 39.67
CA VAL B 45 11.10 -11.46 40.02
C VAL B 45 12.46 -11.53 40.69
N SER B 46 13.45 -10.89 40.07
CA SER B 46 14.79 -10.85 40.62
C SER B 46 14.84 -10.16 42.00
N ALA B 47 14.10 -9.06 42.14
CA ALA B 47 14.10 -8.36 43.42
C ALA B 47 13.48 -9.24 44.52
N LEU B 48 12.39 -9.93 44.18
CA LEU B 48 11.70 -10.83 45.12
C LEU B 48 12.50 -12.09 45.43
N GLU B 49 13.20 -12.65 44.45
CA GLU B 49 14.07 -13.79 44.74
C GLU B 49 15.11 -13.42 45.80
N GLU B 50 15.66 -12.23 45.69
CA GLU B 50 16.69 -11.74 46.59
C GLU B 50 16.14 -11.49 47.98
N GLU B 51 14.98 -10.87 48.05
CA GLU B 51 14.33 -10.61 49.33
C GLU B 51 13.93 -11.94 50.02
N LEU B 52 13.43 -12.89 49.24
CA LEU B 52 13.00 -14.16 49.81
C LEU B 52 14.21 -14.93 50.31
N ALA B 53 15.32 -14.85 49.58
CA ALA B 53 16.56 -15.48 50.04
C ALA B 53 16.96 -14.93 51.40
N ALA B 54 16.96 -13.60 51.53
CA ALA B 54 17.34 -13.01 52.78
C ALA B 54 16.38 -13.35 53.91
N ALA B 55 15.09 -13.37 53.60
CA ALA B 55 14.08 -13.76 54.58
C ALA B 55 14.28 -15.20 55.07
N ASN B 56 14.52 -16.12 54.15
CA ASN B 56 14.74 -17.51 54.59
C ASN B 56 16.00 -17.68 55.44
N GLN B 57 17.04 -16.89 55.16
CA GLN B 57 18.24 -16.88 55.98
C GLN B 57 17.93 -16.34 57.38
N GLU B 58 17.05 -15.32 57.44
CA GLU B 58 16.69 -14.74 58.74
C GLU B 58 15.86 -15.70 59.58
N ILE B 59 14.93 -16.43 58.94
CA ILE B 59 14.16 -17.47 59.63
C ILE B 59 15.09 -18.50 60.29
N VAL B 60 16.06 -18.99 59.55
CA VAL B 60 17.04 -19.92 60.17
C VAL B 60 17.76 -19.34 61.42
N ALA B 61 18.24 -18.11 61.32
CA ALA B 61 18.97 -17.45 62.40
C ALA B 61 18.10 -17.28 63.62
N LEU B 62 16.85 -16.89 63.38
CA LEU B 62 15.95 -16.59 64.47
C LEU B 62 15.51 -17.86 65.18
N ARG B 63 15.33 -18.91 64.39
CA ARG B 63 14.95 -20.21 64.94
C ARG B 63 16.05 -20.74 65.84
N GLU B 64 17.28 -20.71 65.33
CA GLU B 64 18.42 -21.25 66.06
C GLU B 64 18.78 -20.38 67.26
N GLN B 65 18.45 -19.10 67.18
CA GLN B 65 18.64 -18.21 68.31
C GLN B 65 17.67 -18.56 69.42
N ASN B 66 16.42 -18.84 69.07
CA ASN B 66 15.42 -19.19 70.08
C ASN B 66 15.75 -20.51 70.80
N VAL B 67 16.31 -21.48 70.09
CA VAL B 67 16.69 -22.76 70.70
C VAL B 67 17.91 -22.58 71.63
N HIS B 68 18.65 -21.50 71.44
CA HIS B 68 19.79 -21.20 72.32
C HIS B 68 19.32 -20.41 73.55
N ILE B 69 18.66 -19.29 73.29
CA ILE B 69 18.15 -18.42 74.36
C ILE B 69 17.22 -19.16 75.32
N SER C 12 6.70 -5.21 -7.41
CA SER C 12 5.37 -5.19 -8.02
C SER C 12 4.28 -5.00 -6.98
N GLU C 13 3.04 -4.87 -7.47
CA GLU C 13 1.88 -4.78 -6.59
C GLU C 13 1.79 -6.01 -5.68
N VAL C 14 2.07 -7.18 -6.24
CA VAL C 14 1.98 -8.42 -5.48
C VAL C 14 3.03 -8.50 -4.38
N GLU C 15 4.26 -8.13 -4.71
CA GLU C 15 5.35 -8.21 -3.75
C GLU C 15 5.12 -7.26 -2.58
N VAL C 16 4.64 -6.05 -2.86
CA VAL C 16 4.34 -5.10 -1.79
C VAL C 16 3.19 -5.58 -0.91
N LEU C 17 2.14 -6.14 -1.51
CA LEU C 17 1.02 -6.68 -0.75
C LEU C 17 1.47 -7.85 0.13
N LYS C 18 2.29 -8.72 -0.45
CA LYS C 18 2.85 -9.90 0.25
C LYS C 18 3.67 -9.51 1.47
N ALA C 19 4.54 -8.52 1.27
CA ALA C 19 5.40 -8.06 2.35
C ALA C 19 4.58 -7.40 3.45
N LEU C 20 3.53 -6.67 3.07
CA LEU C 20 2.70 -5.99 4.05
C LEU C 20 1.93 -6.99 4.86
N LYS C 21 1.37 -8.02 4.19
CA LYS C 21 0.63 -9.04 4.94
C LYS C 21 1.54 -9.83 5.87
N SER C 22 2.76 -10.10 5.41
CA SER C 22 3.76 -10.82 6.20
C SER C 22 4.11 -10.03 7.45
N LEU C 23 4.31 -8.73 7.28
CA LEU C 23 4.60 -7.85 8.40
C LEU C 23 3.51 -7.89 9.48
N PHE C 24 2.26 -7.75 9.05
CA PHE C 24 1.14 -7.81 9.96
C PHE C 24 1.07 -9.15 10.70
N GLU C 25 1.28 -10.23 9.97
CA GLU C 25 1.23 -11.58 10.55
C GLU C 25 2.33 -11.75 11.59
N HIS C 26 3.52 -11.30 11.22
CA HIS C 26 4.66 -11.43 12.13
C HIS C 26 4.43 -10.61 13.42
N HIS C 27 3.94 -9.38 13.28
CA HIS C 27 3.69 -8.56 14.45
CA HIS C 27 3.64 -8.53 14.42
C HIS C 27 2.66 -9.17 15.39
N LYS C 28 1.58 -9.70 14.83
CA LYS C 28 0.51 -10.30 15.63
C LYS C 28 1.06 -11.47 16.42
N ALA C 29 1.85 -12.28 15.75
CA ALA C 29 2.37 -13.50 16.35
C ALA C 29 3.38 -13.18 17.44
N LEU C 30 4.23 -12.20 17.16
CA LEU C 30 5.25 -11.75 18.10
C LEU C 30 4.62 -11.13 19.36
N ASP C 31 3.57 -10.34 19.15
CA ASP C 31 2.85 -9.74 20.25
C ASP C 31 2.26 -10.83 21.16
N GLU C 32 1.66 -11.82 20.55
CA GLU C 32 1.11 -12.92 21.34
C GLU C 32 2.19 -13.67 22.12
N LYS C 33 3.38 -13.76 21.54
CA LYS C 33 4.47 -14.48 22.17
C LYS C 33 4.99 -13.70 23.36
N VAL C 34 5.13 -12.39 23.18
CA VAL C 34 5.59 -11.53 24.25
C VAL C 34 4.60 -11.49 25.40
N ARG C 35 3.31 -11.48 25.06
CA ARG C 35 2.26 -11.38 26.08
C ARG C 35 2.23 -12.62 26.94
N GLU C 36 2.47 -13.77 26.34
CA GLU C 36 2.51 -15.02 27.10
C GLU C 36 3.71 -15.06 28.03
N ARG C 37 4.87 -14.62 27.54
CA ARG C 37 6.06 -14.46 28.39
C ARG C 37 5.70 -13.58 29.59
N LEU C 38 4.96 -12.52 29.33
CA LEU C 38 4.54 -11.60 30.38
C LEU C 38 3.58 -12.27 31.37
N ARG C 39 2.68 -13.10 30.85
CA ARG C 39 1.68 -13.76 31.69
C ARG C 39 2.38 -14.69 32.66
N VAL C 40 3.33 -15.45 32.13
CA VAL C 40 4.14 -16.35 32.93
C VAL C 40 4.91 -15.60 34.02
N SER C 41 5.51 -14.49 33.64
CA SER C 41 6.32 -13.70 34.58
C SER C 41 5.48 -13.11 35.71
N LEU C 42 4.32 -12.57 35.37
CA LEU C 42 3.40 -12.01 36.37
C LEU C 42 2.94 -13.06 37.37
N GLU C 43 2.69 -14.27 36.91
CA GLU C 43 2.34 -15.40 37.78
C GLU C 43 3.48 -15.71 38.75
N ARG C 44 4.71 -15.67 38.24
CA ARG C 44 5.87 -15.92 39.06
C ARG C 44 6.00 -14.85 40.15
N VAL C 45 5.81 -13.58 39.78
CA VAL C 45 5.77 -12.49 40.75
C VAL C 45 4.73 -12.75 41.84
N SER C 46 3.55 -13.19 41.43
CA SER C 46 2.46 -13.46 42.37
C SER C 46 2.86 -14.56 43.37
N ALA C 47 3.39 -15.65 42.83
CA ALA C 47 3.89 -16.76 43.65
C ALA C 47 4.98 -16.32 44.64
N LEU C 48 5.94 -15.55 44.15
CA LEU C 48 7.03 -15.05 44.98
C LEU C 48 6.52 -14.10 46.07
N GLU C 49 5.55 -13.26 45.71
CA GLU C 49 4.97 -12.36 46.70
C GLU C 49 4.31 -13.16 47.80
N GLU C 50 3.57 -14.21 47.44
CA GLU C 50 2.94 -15.06 48.46
C GLU C 50 3.96 -15.74 49.36
N GLU C 51 5.04 -16.25 48.74
CA GLU C 51 6.09 -16.90 49.51
C GLU C 51 6.78 -15.93 50.47
N LEU C 52 7.02 -14.71 50.02
CA LEU C 52 7.67 -13.71 50.85
C LEU C 52 6.75 -13.25 51.99
N ALA C 53 5.47 -13.11 51.71
CA ALA C 53 4.52 -12.80 52.77
C ALA C 53 4.52 -13.88 53.85
N ALA C 54 4.53 -15.15 53.42
CA ALA C 54 4.61 -16.26 54.37
C ALA C 54 5.88 -16.23 55.20
N ALA C 55 7.01 -15.92 54.55
CA ALA C 55 8.30 -15.83 55.22
C ALA C 55 8.32 -14.70 56.23
N ASN C 56 7.77 -13.55 55.86
CA ASN C 56 7.73 -12.42 56.78
C ASN C 56 6.81 -12.66 57.98
N GLN C 57 5.72 -13.38 57.76
CA GLN C 57 4.83 -13.79 58.83
C GLN C 57 5.53 -14.72 59.80
N GLU C 58 6.32 -15.64 59.27
CA GLU C 58 7.10 -16.54 60.13
C GLU C 58 8.18 -15.81 60.92
N ILE C 59 8.79 -14.81 60.29
CA ILE C 59 9.81 -14.04 60.96
C ILE C 59 9.23 -13.28 62.17
N VAL C 60 8.06 -12.64 62.03
CA VAL C 60 7.62 -11.85 63.16
C VAL C 60 7.13 -12.79 64.25
N ALA C 61 6.66 -13.97 63.84
CA ALA C 61 6.21 -14.99 64.79
C ALA C 61 7.37 -15.47 65.63
N LEU C 62 8.49 -15.70 64.98
CA LEU C 62 9.74 -16.04 65.67
C LEU C 62 10.25 -14.93 66.59
N ARG C 63 10.13 -13.68 66.16
CA ARG C 63 10.47 -12.54 67.01
C ARG C 63 9.56 -12.43 68.23
N GLU C 64 8.31 -12.80 68.05
CA GLU C 64 7.35 -12.80 69.16
C GLU C 64 7.72 -13.83 70.21
N GLN C 65 8.11 -15.02 69.75
CA GLN C 65 8.52 -16.06 70.67
C GLN C 65 9.73 -15.59 71.49
N ASN C 66 10.67 -14.93 70.82
CA ASN C 66 11.89 -14.47 71.46
C ASN C 66 11.62 -13.44 72.56
N VAL C 67 10.69 -12.52 72.29
CA VAL C 67 10.29 -11.51 73.25
C VAL C 67 9.91 -12.14 74.57
N HIS C 68 9.09 -13.19 74.47
CA HIS C 68 8.58 -13.90 75.64
C HIS C 68 9.66 -14.70 76.35
N ILE C 69 10.51 -15.37 75.60
CA ILE C 69 11.60 -16.15 76.19
C ILE C 69 12.57 -15.23 76.94
N GLN C 70 12.88 -14.08 76.35
CA GLN C 70 13.76 -13.09 76.95
C GLN C 70 13.19 -12.58 78.28
N SER D 12 11.64 -2.61 8.79
CA SER D 12 10.98 -3.36 7.72
C SER D 12 9.65 -2.71 7.36
N GLU D 13 8.98 -2.17 8.38
CA GLU D 13 7.78 -1.38 8.14
C GLU D 13 8.14 -0.13 7.34
N VAL D 14 9.29 0.46 7.64
CA VAL D 14 9.71 1.67 6.96
C VAL D 14 10.03 1.39 5.50
N GLU D 15 10.71 0.28 5.24
CA GLU D 15 11.07 -0.07 3.86
C GLU D 15 9.84 -0.41 3.02
N VAL D 16 8.84 -1.06 3.62
CA VAL D 16 7.69 -1.42 2.81
C VAL D 16 6.85 -0.17 2.47
N LEU D 17 6.80 0.80 3.39
CA LEU D 17 6.06 2.02 3.10
C LEU D 17 6.78 2.82 2.00
N LYS D 18 8.12 2.77 1.99
CA LYS D 18 8.89 3.45 0.95
C LYS D 18 8.69 2.76 -0.40
N ALA D 19 8.62 1.43 -0.36
CA ALA D 19 8.35 0.63 -1.54
C ALA D 19 6.99 0.96 -2.11
N LEU D 20 6.00 1.13 -1.22
CA LEU D 20 4.65 1.45 -1.68
C LEU D 20 4.63 2.85 -2.30
N LYS D 21 5.24 3.81 -1.63
CA LYS D 21 5.28 5.16 -2.14
C LYS D 21 5.95 5.21 -3.52
N SER D 22 7.01 4.42 -3.68
CA SER D 22 7.75 4.37 -4.94
C SER D 22 6.92 3.75 -6.07
N LEU D 23 6.16 2.71 -5.76
CA LEU D 23 5.28 2.08 -6.73
C LEU D 23 4.24 3.09 -7.20
N PHE D 24 3.65 3.82 -6.25
CA PHE D 24 2.67 4.86 -6.57
C PHE D 24 3.25 5.92 -7.50
N GLU D 25 4.48 6.33 -7.21
CA GLU D 25 5.11 7.38 -8.01
C GLU D 25 5.49 6.86 -9.39
N HIS D 26 5.90 5.59 -9.45
CA HIS D 26 6.18 4.92 -10.73
C HIS D 26 4.92 4.83 -11.59
N HIS D 27 3.82 4.39 -10.99
CA HIS D 27 2.55 4.30 -11.70
C HIS D 27 2.15 5.66 -12.25
N LYS D 28 2.38 6.70 -11.46
CA LYS D 28 2.06 8.07 -11.85
C LYS D 28 2.86 8.49 -13.08
N ALA D 29 4.15 8.20 -13.07
CA ALA D 29 5.05 8.60 -14.16
C ALA D 29 4.69 7.86 -15.44
N LEU D 30 4.43 6.57 -15.32
CA LEU D 30 4.10 5.75 -16.49
C LEU D 30 2.74 6.14 -17.08
N ASP D 31 1.77 6.46 -16.23
CA ASP D 31 0.45 6.90 -16.67
CA ASP D 31 0.46 6.88 -16.70
C ASP D 31 0.57 8.20 -17.47
N GLU D 32 1.45 9.08 -17.01
CA GLU D 32 1.65 10.35 -17.69
C GLU D 32 2.27 10.14 -19.07
N LYS D 33 3.25 9.25 -19.17
CA LYS D 33 3.87 8.95 -20.47
C LYS D 33 2.85 8.44 -21.47
N VAL D 34 2.04 7.47 -21.06
CA VAL D 34 1.07 6.88 -21.97
C VAL D 34 -0.01 7.88 -22.34
N ARG D 35 -0.42 8.70 -21.36
CA ARG D 35 -1.41 9.73 -21.59
C ARG D 35 -0.92 10.73 -22.63
N GLU D 36 0.37 11.07 -22.58
CA GLU D 36 0.97 11.98 -23.55
C GLU D 36 0.95 11.38 -24.94
N ARG D 37 1.32 10.11 -25.05
CA ARG D 37 1.27 9.41 -26.33
C ARG D 37 -0.14 9.47 -26.91
N LEU D 38 -1.14 9.27 -26.06
CA LEU D 38 -2.53 9.28 -26.50
C LEU D 38 -2.97 10.67 -27.00
N ARG D 39 -2.54 11.70 -26.29
CA ARG D 39 -2.86 13.08 -26.67
C ARG D 39 -2.28 13.42 -28.05
N VAL D 40 -1.05 12.99 -28.29
CA VAL D 40 -0.39 13.23 -29.58
C VAL D 40 -1.13 12.49 -30.70
N SER D 41 -1.55 11.27 -30.41
CA SER D 41 -2.22 10.43 -31.41
C SER D 41 -3.64 10.93 -31.72
N LEU D 42 -4.36 11.40 -30.71
CA LEU D 42 -5.70 11.94 -30.91
C LEU D 42 -5.68 13.24 -31.69
N GLU D 43 -4.62 14.03 -31.51
CA GLU D 43 -4.46 15.28 -32.22
C GLU D 43 -4.14 15.00 -33.68
N ARG D 44 -3.32 13.96 -33.88
CA ARG D 44 -2.96 13.51 -35.20
C ARG D 44 -4.20 13.04 -35.95
N VAL D 45 -5.06 12.25 -35.28
CA VAL D 45 -6.34 11.81 -35.87
C VAL D 45 -7.19 13.01 -36.26
N SER D 46 -7.22 14.01 -35.40
CA SER D 46 -8.02 15.20 -35.63
C SER D 46 -7.50 16.01 -36.83
N ALA D 47 -6.19 16.16 -36.93
CA ALA D 47 -5.60 16.86 -38.07
C ALA D 47 -5.93 16.11 -39.36
N LEU D 48 -5.86 14.79 -39.28
CA LEU D 48 -6.11 13.99 -40.47
C LEU D 48 -7.57 14.01 -40.89
N GLU D 49 -8.47 13.93 -39.92
CA GLU D 49 -9.91 14.05 -40.21
C GLU D 49 -10.24 15.40 -40.84
N GLU D 50 -9.57 16.46 -40.39
CA GLU D 50 -9.77 17.77 -40.98
C GLU D 50 -9.34 17.81 -42.46
N GLU D 51 -8.16 17.26 -42.75
CA GLU D 51 -7.61 17.27 -44.11
C GLU D 51 -8.48 16.42 -45.03
N LEU D 52 -8.96 15.30 -44.49
CA LEU D 52 -9.79 14.40 -45.27
C LEU D 52 -11.14 15.03 -45.59
N ALA D 53 -11.73 15.71 -44.61
CA ALA D 53 -12.99 16.42 -44.85
C ALA D 53 -12.82 17.49 -45.93
N ALA D 54 -11.73 18.24 -45.86
CA ALA D 54 -11.46 19.22 -46.89
C ALA D 54 -11.23 18.59 -48.27
N ALA D 55 -10.60 17.42 -48.30
CA ALA D 55 -10.37 16.76 -49.57
C ALA D 55 -11.69 16.30 -50.16
N ASN D 56 -12.54 15.76 -49.32
CA ASN D 56 -13.88 15.35 -49.79
C ASN D 56 -14.73 16.52 -50.29
N GLN D 57 -14.62 17.69 -49.66
CA GLN D 57 -15.26 18.89 -50.19
C GLN D 57 -14.74 19.27 -51.57
N GLU D 58 -13.44 19.12 -51.79
CA GLU D 58 -12.88 19.42 -53.11
C GLU D 58 -13.38 18.43 -54.15
N ILE D 59 -13.51 17.16 -53.75
CA ILE D 59 -14.05 16.15 -54.65
C ILE D 59 -15.49 16.52 -55.08
N VAL D 60 -16.32 16.88 -54.11
CA VAL D 60 -17.69 17.30 -54.45
C VAL D 60 -17.69 18.49 -55.39
N ALA D 61 -16.86 19.49 -55.11
CA ALA D 61 -16.81 20.69 -55.95
C ALA D 61 -16.42 20.33 -57.38
N LEU D 62 -15.43 19.46 -57.54
CA LEU D 62 -14.99 19.05 -58.86
C LEU D 62 -16.05 18.26 -59.59
N ARG D 63 -16.74 17.35 -58.88
CA ARG D 63 -17.79 16.62 -59.54
CA ARG D 63 -17.85 16.60 -59.44
C ARG D 63 -18.93 17.58 -59.93
N GLU D 64 -19.24 18.54 -59.06
CA GLU D 64 -20.28 19.53 -59.41
C GLU D 64 -19.85 20.36 -60.64
N GLN D 65 -18.58 20.77 -60.69
CA GLN D 65 -18.08 21.51 -61.86
C GLN D 65 -18.20 20.67 -63.14
N ASN D 66 -17.92 19.38 -63.05
CA ASN D 66 -17.93 18.55 -64.25
C ASN D 66 -19.37 18.25 -64.71
N VAL D 67 -20.29 18.17 -63.76
CA VAL D 67 -21.72 18.13 -64.10
C VAL D 67 -22.15 19.40 -64.84
N HIS D 68 -21.71 20.56 -64.34
CA HIS D 68 -21.99 21.85 -64.97
C HIS D 68 -21.50 21.92 -66.43
N ILE D 69 -20.25 21.54 -66.64
CA ILE D 69 -19.65 21.52 -67.96
C ILE D 69 -20.41 20.62 -68.93
N GLN D 70 -20.83 19.47 -68.44
CA GLN D 70 -21.52 18.50 -69.29
C GLN D 70 -22.93 18.99 -69.63
N ARG D 71 -23.54 19.73 -68.71
CA ARG D 71 -24.80 20.39 -69.01
C ARG D 71 -24.62 21.40 -70.13
N LYS D 72 -23.59 22.24 -70.03
CA LYS D 72 -23.26 23.21 -71.06
C LYS D 72 -23.13 22.54 -72.41
N MET D 73 -22.44 21.40 -72.42
CA MET D 73 -22.18 20.65 -73.65
C MET D 73 -23.43 19.99 -74.20
N ALA D 74 -24.40 19.72 -73.33
CA ALA D 74 -25.63 19.05 -73.74
C ALA D 74 -26.83 19.99 -73.70
#